data_5EY6
#
_entry.id   5EY6
#
_cell.length_a   96.383
_cell.length_b   83.316
_cell.length_c   60.052
_cell.angle_alpha   90.00
_cell.angle_beta   90.00
_cell.angle_gamma   90.00
#
_symmetry.space_group_name_H-M   'P 21 21 2'
#
loop_
_entity.id
_entity.type
_entity.pdbx_description
1 polymer 'Phi class glutathione transferase GSTF2'
2 water water
#
_entity_poly.entity_id   1
_entity_poly.type   'polypeptide(L)'
_entity_poly.pdbx_seq_one_letter_code
;ATPVKVYGPPLSTAVSRVLVTLLEKDVPFQIIPVDMSKGEHKKPDYLKIQPFGQVPAFQDESISLFESRSICRYVCEKYA
DRGDKGLYGTNPLERASIDQWVEAEGQSFGPSSGALVFQLAFAPRMNIPQDQGVIKQNEEKLGKVLDIYEQRLGESRFLA
GDEFTFADLSHLPNGDYLVNATDKGHLFTSRENVGRWWNEISDRESWKKVIEMRKSG
;
_entity_poly.pdbx_strand_id   A,B
#
# COMPACT_ATOMS: atom_id res chain seq x y z
N PRO A 3 -27.51 -3.76 6.27
CA PRO A 3 -26.17 -4.35 6.18
C PRO A 3 -25.21 -3.49 5.36
N VAL A 4 -23.91 -3.72 5.51
CA VAL A 4 -22.93 -2.97 4.72
C VAL A 4 -22.94 -3.50 3.31
N LYS A 5 -22.63 -2.62 2.36
CA LYS A 5 -22.57 -2.99 0.95
C LYS A 5 -21.13 -3.12 0.46
N VAL A 6 -20.86 -4.22 -0.23
CA VAL A 6 -19.59 -4.43 -0.93
C VAL A 6 -19.89 -4.53 -2.43
N TYR A 7 -19.30 -3.63 -3.23
CA TYR A 7 -19.50 -3.65 -4.67
C TYR A 7 -18.41 -4.43 -5.40
N GLY A 8 -18.82 -5.31 -6.30
CA GLY A 8 -17.86 -6.04 -7.14
C GLY A 8 -18.00 -7.55 -7.03
N PRO A 9 -17.30 -8.28 -7.91
CA PRO A 9 -17.40 -9.75 -7.99
C PRO A 9 -16.48 -10.46 -7.01
N PRO A 10 -16.96 -11.52 -6.36
CA PRO A 10 -16.10 -12.28 -5.45
C PRO A 10 -14.83 -12.82 -6.11
N LEU A 11 -14.81 -12.96 -7.42
CA LEU A 11 -13.63 -13.52 -8.07
C LEU A 11 -12.46 -12.52 -8.05
N SER A 12 -12.77 -11.24 -7.86
CA SER A 12 -11.74 -10.20 -7.77
C SER A 12 -10.89 -10.40 -6.52
N THR A 13 -9.59 -10.22 -6.63
CA THR A 13 -8.71 -10.38 -5.48
C THR A 13 -8.95 -9.25 -4.46
N ALA A 14 -9.17 -8.03 -4.93
CA ALA A 14 -9.38 -6.91 -4.02
C ALA A 14 -10.75 -7.03 -3.35
N VAL A 15 -11.75 -7.51 -4.08
CA VAL A 15 -13.05 -7.77 -3.49
C VAL A 15 -12.91 -8.85 -2.41
N SER A 16 -12.24 -9.94 -2.77
CA SER A 16 -12.06 -11.06 -1.85
C SER A 16 -11.43 -10.64 -0.52
N ARG A 17 -10.50 -9.69 -0.58
CA ARG A 17 -9.84 -9.21 0.62
C ARG A 17 -10.86 -8.62 1.58
N VAL A 18 -11.78 -7.83 1.05
CA VAL A 18 -12.82 -7.20 1.86
C VAL A 18 -13.79 -8.26 2.41
N LEU A 19 -14.22 -9.19 1.56
CA LEU A 19 -15.18 -10.22 1.98
C LEU A 19 -14.66 -11.11 3.11
N VAL A 20 -13.43 -11.60 2.99
CA VAL A 20 -12.91 -12.49 4.02
C VAL A 20 -12.71 -11.71 5.33
N THR A 21 -12.45 -10.41 5.24
CA THR A 21 -12.30 -9.57 6.43
C THR A 21 -13.64 -9.42 7.12
N LEU A 22 -14.68 -9.14 6.35
CA LEU A 22 -16.03 -9.01 6.90
C LEU A 22 -16.48 -10.31 7.57
N LEU A 23 -16.13 -11.45 6.98
CA LEU A 23 -16.47 -12.75 7.54
C LEU A 23 -15.69 -13.01 8.84
N GLU A 24 -14.41 -12.64 8.85
CA GLU A 24 -13.60 -12.78 10.05
C GLU A 24 -14.12 -11.87 11.17
N LYS A 25 -14.64 -10.70 10.81
CA LYS A 25 -15.12 -9.75 11.80
C LYS A 25 -16.61 -9.94 12.12
N ASP A 26 -17.22 -10.97 11.55
CA ASP A 26 -18.63 -11.30 11.84
C ASP A 26 -19.52 -10.10 11.58
N VAL A 27 -19.31 -9.47 10.42
CA VAL A 27 -20.11 -8.33 9.99
C VAL A 27 -20.99 -8.75 8.81
N PRO A 28 -22.33 -8.68 8.97
CA PRO A 28 -23.16 -9.07 7.83
C PRO A 28 -23.03 -8.08 6.68
N PHE A 29 -23.10 -8.58 5.45
CA PHE A 29 -22.91 -7.74 4.28
C PHE A 29 -23.76 -8.22 3.11
N GLN A 30 -23.93 -7.30 2.16
CA GLN A 30 -24.65 -7.54 0.92
C GLN A 30 -23.71 -7.25 -0.26
N ILE A 31 -23.59 -8.19 -1.19
CA ILE A 31 -22.78 -7.98 -2.38
C ILE A 31 -23.60 -7.36 -3.50
N ILE A 32 -23.13 -6.21 -3.98
CA ILE A 32 -23.75 -5.54 -5.11
C ILE A 32 -22.89 -5.76 -6.34
N PRO A 33 -23.40 -6.53 -7.31
CA PRO A 33 -22.56 -6.82 -8.48
C PRO A 33 -22.20 -5.56 -9.28
N VAL A 34 -21.01 -5.60 -9.87
CA VAL A 34 -20.52 -4.60 -10.79
C VAL A 34 -19.97 -5.36 -11.98
N ASP A 35 -20.75 -5.43 -13.05
CA ASP A 35 -20.38 -6.18 -14.23
C ASP A 35 -19.45 -5.34 -15.11
N MET A 36 -18.16 -5.57 -14.97
CA MET A 36 -17.18 -4.75 -15.69
C MET A 36 -17.22 -5.10 -17.17
N SER A 37 -17.77 -6.26 -17.52
CA SER A 37 -17.92 -6.62 -18.92
C SER A 37 -18.99 -5.76 -19.57
N LYS A 38 -19.84 -5.14 -18.75
CA LYS A 38 -20.86 -4.23 -19.27
C LYS A 38 -20.51 -2.76 -19.02
N GLY A 39 -19.28 -2.52 -18.57
CA GLY A 39 -18.84 -1.17 -18.23
C GLY A 39 -19.54 -0.57 -17.02
N GLU A 40 -20.07 -1.41 -16.14
CA GLU A 40 -20.82 -0.90 -14.99
C GLU A 40 -19.91 -0.13 -14.03
N HIS A 41 -18.61 -0.43 -14.08
CA HIS A 41 -17.65 0.27 -13.23
C HIS A 41 -17.38 1.70 -13.70
N LYS A 42 -17.92 2.07 -14.86
CA LYS A 42 -17.75 3.42 -15.38
C LYS A 42 -19.05 4.23 -15.38
N LYS A 43 -20.08 3.73 -14.73
CA LYS A 43 -21.32 4.50 -14.58
C LYS A 43 -21.07 5.70 -13.67
N PRO A 44 -21.64 6.87 -14.04
CA PRO A 44 -21.46 8.08 -13.22
C PRO A 44 -21.76 7.89 -11.74
N ASP A 45 -22.81 7.13 -11.41
CA ASP A 45 -23.19 6.92 -10.01
C ASP A 45 -22.17 6.07 -9.26
N TYR A 46 -21.55 5.11 -9.95
CA TYR A 46 -20.53 4.29 -9.33
C TYR A 46 -19.22 5.07 -9.13
N LEU A 47 -18.83 5.85 -10.13
CA LEU A 47 -17.63 6.67 -10.05
C LEU A 47 -17.67 7.66 -8.88
N LYS A 48 -18.87 7.96 -8.38
CA LYS A 48 -19.00 8.83 -7.21
C LYS A 48 -18.43 8.19 -5.95
N ILE A 49 -18.46 6.87 -5.87
CA ILE A 49 -17.96 6.17 -4.69
C ILE A 49 -16.64 5.44 -4.96
N GLN A 50 -16.31 5.24 -6.24
CA GLN A 50 -15.04 4.63 -6.63
C GLN A 50 -14.48 5.42 -7.81
N PRO A 51 -13.75 6.51 -7.52
CA PRO A 51 -13.41 7.45 -8.59
C PRO A 51 -12.43 6.89 -9.62
N PHE A 52 -11.81 5.75 -9.32
CA PHE A 52 -10.90 5.09 -10.25
C PHE A 52 -11.61 4.08 -11.16
N GLY A 53 -12.92 3.89 -10.97
CA GLY A 53 -13.66 2.93 -11.75
C GLY A 53 -13.16 1.51 -11.56
N GLN A 54 -12.81 1.18 -10.32
CA GLN A 54 -12.29 -0.13 -9.98
C GLN A 54 -13.21 -0.77 -8.93
N VAL A 55 -12.95 -2.04 -8.61
CA VAL A 55 -13.65 -2.73 -7.53
C VAL A 55 -12.62 -3.22 -6.51
N PRO A 56 -13.01 -3.28 -5.22
CA PRO A 56 -14.35 -3.03 -4.69
C PRO A 56 -14.63 -1.57 -4.33
N ALA A 57 -15.89 -1.31 -4.04
CA ALA A 57 -16.29 -0.14 -3.27
C ALA A 57 -17.02 -0.64 -2.04
N PHE A 58 -17.22 0.22 -1.07
CA PHE A 58 -17.80 -0.15 0.20
C PHE A 58 -18.71 0.97 0.69
N GLN A 59 -19.88 0.58 1.19
CA GLN A 59 -20.81 1.53 1.77
C GLN A 59 -21.44 0.99 3.04
N ASP A 60 -21.50 1.82 4.07
CA ASP A 60 -22.31 1.53 5.25
C ASP A 60 -23.09 2.78 5.63
N GLU A 61 -23.65 2.79 6.84
CA GLU A 61 -24.57 3.85 7.24
C GLU A 61 -23.89 5.20 7.41
N SER A 62 -22.55 5.20 7.48
CA SER A 62 -21.81 6.42 7.81
C SER A 62 -20.83 6.88 6.74
N ILE A 63 -20.39 5.96 5.87
CA ILE A 63 -19.32 6.31 4.94
C ILE A 63 -19.33 5.49 3.65
N SER A 64 -18.70 6.04 2.62
N SER A 64 -18.69 6.05 2.63
CA SER A 64 -18.39 5.28 1.42
CA SER A 64 -18.40 5.33 1.40
C SER A 64 -16.89 5.32 1.21
C SER A 64 -16.87 5.32 1.21
N LEU A 65 -16.29 4.16 0.96
CA LEU A 65 -14.83 4.05 0.83
C LEU A 65 -14.43 3.23 -0.38
N PHE A 66 -13.21 3.47 -0.86
CA PHE A 66 -12.61 2.62 -1.88
C PHE A 66 -11.23 2.20 -1.36
N GLU A 67 -10.58 1.34 -2.14
CA GLU A 67 -9.32 0.67 -1.79
C GLU A 67 -9.52 -0.36 -0.69
N SER A 68 -9.26 -1.62 -1.06
CA SER A 68 -9.59 -2.77 -0.24
C SER A 68 -8.90 -2.74 1.13
N ARG A 69 -7.66 -2.30 1.20
CA ARG A 69 -6.93 -2.34 2.47
C ARG A 69 -7.43 -1.23 3.41
N SER A 70 -7.82 -0.10 2.83
CA SER A 70 -8.41 0.99 3.58
C SER A 70 -9.79 0.63 4.12
N ILE A 71 -10.56 -0.06 3.28
CA ILE A 71 -11.86 -0.55 3.71
C ILE A 71 -11.67 -1.49 4.90
N CYS A 72 -10.70 -2.39 4.78
CA CYS A 72 -10.49 -3.41 5.78
C CYS A 72 -9.97 -2.84 7.11
N ARG A 73 -9.14 -1.81 7.04
CA ARG A 73 -8.69 -1.12 8.26
C ARG A 73 -9.89 -0.47 8.94
N TYR A 74 -10.79 0.10 8.15
CA TYR A 74 -11.99 0.73 8.68
C TYR A 74 -12.89 -0.28 9.40
N VAL A 75 -13.15 -1.41 8.74
CA VAL A 75 -13.97 -2.48 9.31
C VAL A 75 -13.38 -3.01 10.61
N CYS A 76 -12.08 -3.28 10.60
CA CYS A 76 -11.41 -3.85 11.75
C CYS A 76 -11.49 -2.92 12.97
N GLU A 77 -11.51 -1.61 12.73
CA GLU A 77 -11.64 -0.66 13.84
C GLU A 77 -13.09 -0.48 14.28
N LYS A 78 -13.98 -0.28 13.32
CA LYS A 78 -15.39 -0.06 13.63
C LYS A 78 -16.00 -1.24 14.39
N TYR A 79 -15.56 -2.44 14.03
CA TYR A 79 -16.12 -3.68 14.58
C TYR A 79 -15.09 -4.42 15.42
N ALA A 80 -14.23 -3.66 16.11
CA ALA A 80 -13.10 -4.22 16.83
C ALA A 80 -13.49 -5.28 17.87
N ASP A 81 -14.70 -5.14 18.42
CA ASP A 81 -15.17 -6.08 19.45
C ASP A 81 -16.04 -7.21 18.88
N ARG A 82 -16.14 -7.27 17.55
CA ARG A 82 -16.85 -8.37 16.89
C ARG A 82 -15.87 -9.38 16.32
N GLY A 83 -16.31 -10.64 16.23
CA GLY A 83 -15.56 -11.70 15.58
C GLY A 83 -14.16 -11.86 16.10
N ASP A 84 -13.20 -12.06 15.19
CA ASP A 84 -11.79 -12.15 15.55
C ASP A 84 -11.32 -10.78 16.05
N LYS A 85 -11.16 -10.64 17.37
CA LYS A 85 -10.86 -9.34 17.97
C LYS A 85 -9.41 -8.92 17.75
N GLY A 86 -8.55 -9.89 17.44
CA GLY A 86 -7.13 -9.62 17.29
C GLY A 86 -6.70 -9.41 15.84
N LEU A 87 -7.66 -9.37 14.92
CA LEU A 87 -7.33 -9.41 13.49
C LEU A 87 -6.39 -8.27 13.07
N TYR A 88 -6.59 -7.09 13.64
CA TYR A 88 -5.68 -5.96 13.43
C TYR A 88 -5.17 -5.40 14.78
N GLY A 89 -5.00 -6.28 15.75
CA GLY A 89 -4.41 -5.91 17.03
C GLY A 89 -5.41 -5.37 18.04
N THR A 90 -5.01 -5.35 19.30
CA THR A 90 -5.89 -4.90 20.38
C THR A 90 -5.30 -3.70 21.12
N ASN A 91 -4.18 -3.19 20.61
CA ASN A 91 -3.59 -1.95 21.11
C ASN A 91 -2.70 -1.36 20.01
N PRO A 92 -2.22 -0.12 20.19
CA PRO A 92 -1.44 0.57 19.14
C PRO A 92 -0.18 -0.17 18.71
N LEU A 93 0.50 -0.83 19.63
CA LEU A 93 1.72 -1.56 19.28
C LEU A 93 1.39 -2.78 18.44
N GLU A 94 0.35 -3.52 18.82
CA GLU A 94 -0.04 -4.69 18.05
C GLU A 94 -0.50 -4.28 16.66
N ARG A 95 -1.24 -3.17 16.59
CA ARG A 95 -1.75 -2.67 15.33
C ARG A 95 -0.62 -2.31 14.36
N ALA A 96 0.38 -1.59 14.85
CA ALA A 96 1.51 -1.23 14.00
C ALA A 96 2.34 -2.45 13.58
N SER A 97 2.54 -3.40 14.50
CA SER A 97 3.32 -4.59 14.19
C SER A 97 2.66 -5.42 13.10
N ILE A 98 1.34 -5.43 13.09
CA ILE A 98 0.58 -6.05 12.00
C ILE A 98 0.66 -5.19 10.73
N ASP A 99 0.47 -3.89 10.89
CA ASP A 99 0.44 -2.96 9.77
C ASP A 99 1.72 -3.02 8.91
N GLN A 100 2.90 -3.20 9.52
CA GLN A 100 4.14 -3.23 8.73
C GLN A 100 4.16 -4.41 7.76
N TRP A 101 3.59 -5.55 8.15
CA TRP A 101 3.51 -6.71 7.25
C TRP A 101 2.38 -6.57 6.24
N VAL A 102 1.33 -5.82 6.57
CA VAL A 102 0.31 -5.47 5.60
C VAL A 102 0.93 -4.60 4.50
N GLU A 103 1.82 -3.69 4.89
CA GLU A 103 2.53 -2.88 3.92
C GLU A 103 3.52 -3.73 3.10
N ALA A 104 4.20 -4.66 3.74
CA ALA A 104 5.09 -5.59 3.04
C ALA A 104 4.31 -6.33 1.95
N GLU A 105 3.07 -6.70 2.27
CA GLU A 105 2.24 -7.39 1.31
C GLU A 105 1.89 -6.48 0.13
N GLY A 106 1.45 -5.27 0.42
CA GLY A 106 1.04 -4.33 -0.61
C GLY A 106 2.17 -3.75 -1.44
N GLN A 107 3.37 -3.68 -0.87
CA GLN A 107 4.51 -3.08 -1.58
C GLN A 107 5.43 -4.13 -2.23
N SER A 108 5.55 -5.29 -1.61
CA SER A 108 6.54 -6.30 -2.04
C SER A 108 5.89 -7.57 -2.60
N PHE A 109 5.08 -8.26 -1.79
CA PHE A 109 4.39 -9.46 -2.25
C PHE A 109 3.35 -9.19 -3.35
N GLY A 110 2.59 -8.11 -3.19
CA GLY A 110 1.43 -7.83 -4.03
C GLY A 110 1.72 -7.64 -5.51
N PRO A 111 2.65 -6.73 -5.84
CA PRO A 111 2.94 -6.41 -7.24
C PRO A 111 3.37 -7.62 -8.07
N SER A 112 4.33 -8.39 -7.58
CA SER A 112 4.84 -9.52 -8.33
C SER A 112 3.86 -10.69 -8.37
N SER A 113 3.30 -11.07 -7.22
CA SER A 113 2.32 -12.15 -7.20
C SER A 113 1.10 -11.74 -8.04
N GLY A 114 0.78 -10.45 -8.08
CA GLY A 114 -0.35 -9.94 -8.84
C GLY A 114 -0.13 -9.99 -10.34
N ALA A 115 1.10 -9.71 -10.76
CA ALA A 115 1.47 -9.82 -12.17
C ALA A 115 1.36 -11.27 -12.63
N LEU A 116 1.83 -12.18 -11.78
CA LEU A 116 1.77 -13.61 -12.10
C LEU A 116 0.34 -14.14 -12.16
N VAL A 117 -0.50 -13.71 -11.20
CA VAL A 117 -1.89 -14.11 -11.20
C VAL A 117 -2.56 -13.66 -12.49
N PHE A 118 -2.29 -12.44 -12.92
CA PHE A 118 -2.85 -11.96 -14.18
C PHE A 118 -2.37 -12.80 -15.37
N GLN A 119 -1.05 -12.89 -15.52
CA GLN A 119 -0.45 -13.54 -16.68
C GLN A 119 -0.81 -15.02 -16.82
N LEU A 120 -1.02 -15.70 -15.70
CA LEU A 120 -1.18 -17.15 -15.72
C LEU A 120 -2.61 -17.62 -15.41
N ALA A 121 -3.38 -16.83 -14.67
CA ALA A 121 -4.71 -17.27 -14.23
C ALA A 121 -5.84 -16.50 -14.90
N PHE A 122 -5.56 -15.27 -15.32
CA PHE A 122 -6.57 -14.41 -15.92
C PHE A 122 -6.36 -14.20 -17.41
N ALA A 123 -5.11 -14.09 -17.83
CA ALA A 123 -4.77 -13.81 -19.22
C ALA A 123 -5.20 -14.89 -20.22
N PRO A 124 -5.09 -16.19 -19.85
CA PRO A 124 -5.57 -17.22 -20.80
C PRO A 124 -7.03 -17.05 -21.23
N ARG A 125 -7.94 -16.82 -20.29
CA ARG A 125 -9.27 -16.35 -20.65
C ARG A 125 -9.11 -14.97 -21.29
N MET A 126 -9.87 -14.68 -22.34
CA MET A 126 -9.63 -13.47 -23.13
C MET A 126 -8.17 -13.54 -23.56
N ASN A 127 -7.83 -14.62 -24.25
CA ASN A 127 -6.43 -15.02 -24.45
C ASN A 127 -5.54 -13.89 -24.94
N ILE A 128 -4.70 -13.41 -24.03
CA ILE A 128 -3.74 -12.36 -24.29
C ILE A 128 -2.35 -13.00 -24.35
N PRO A 129 -1.50 -12.57 -25.30
CA PRO A 129 -0.15 -13.13 -25.31
C PRO A 129 0.59 -12.79 -24.02
N GLN A 130 1.11 -13.80 -23.34
CA GLN A 130 1.73 -13.60 -22.05
C GLN A 130 3.22 -13.25 -22.18
N ASP A 131 3.63 -12.24 -21.41
CA ASP A 131 4.98 -11.70 -21.44
C ASP A 131 5.87 -12.56 -20.54
N GLN A 132 6.89 -13.17 -21.14
CA GLN A 132 7.52 -14.37 -20.58
C GLN A 132 8.74 -14.31 -19.63
N GLY A 133 9.43 -13.20 -19.36
CA GLY A 133 9.05 -11.83 -19.68
C GLY A 133 8.60 -11.18 -18.39
N VAL A 134 7.37 -10.67 -18.37
CA VAL A 134 6.79 -10.18 -17.13
C VAL A 134 6.71 -11.36 -16.15
N ILE A 135 6.45 -12.55 -16.70
CA ILE A 135 6.36 -13.77 -15.91
C ILE A 135 7.68 -14.10 -15.21
N LYS A 136 8.74 -14.21 -16.02
CA LYS A 136 10.08 -14.53 -15.51
C LYS A 136 10.50 -13.61 -14.38
N GLN A 137 10.47 -12.31 -14.67
CA GLN A 137 10.87 -11.28 -13.71
C GLN A 137 10.13 -11.43 -12.38
N ASN A 138 8.80 -11.40 -12.43
CA ASN A 138 8.00 -11.39 -11.23
C ASN A 138 8.04 -12.70 -10.44
N GLU A 139 8.32 -13.81 -11.13
CA GLU A 139 8.50 -15.07 -10.42
C GLU A 139 9.76 -15.02 -9.56
N GLU A 140 10.80 -14.38 -10.09
CA GLU A 140 12.06 -14.26 -9.36
C GLU A 140 11.90 -13.28 -8.20
N LYS A 141 11.17 -12.18 -8.45
CA LYS A 141 10.90 -11.19 -7.41
C LYS A 141 10.10 -11.80 -6.27
N LEU A 142 9.06 -12.54 -6.62
CA LEU A 142 8.22 -13.18 -5.62
C LEU A 142 9.02 -14.20 -4.80
N GLY A 143 9.87 -14.98 -5.49
CA GLY A 143 10.71 -15.94 -4.82
C GLY A 143 11.59 -15.29 -3.75
N LYS A 144 12.11 -14.11 -4.07
CA LYS A 144 12.95 -13.38 -3.12
C LYS A 144 12.14 -12.93 -1.89
N VAL A 145 10.93 -12.42 -2.13
CA VAL A 145 10.06 -12.03 -1.03
C VAL A 145 9.75 -13.26 -0.16
N LEU A 146 9.42 -14.37 -0.79
CA LEU A 146 9.08 -15.58 -0.05
C LEU A 146 10.30 -16.15 0.69
N ASP A 147 11.50 -15.86 0.22
CA ASP A 147 12.71 -16.23 0.95
C ASP A 147 12.76 -15.49 2.29
N ILE A 148 12.35 -14.22 2.28
CA ILE A 148 12.24 -13.44 3.51
C ILE A 148 11.17 -14.03 4.41
N TYR A 149 10.01 -14.34 3.84
CA TYR A 149 8.91 -14.92 4.58
C TYR A 149 9.33 -16.26 5.20
N GLU A 150 10.10 -17.05 4.44
CA GLU A 150 10.56 -18.35 4.92
C GLU A 150 11.38 -18.20 6.20
N GLN A 151 12.27 -17.21 6.24
CA GLN A 151 13.05 -16.90 7.44
C GLN A 151 12.14 -16.48 8.58
N ARG A 152 11.24 -15.54 8.31
CA ARG A 152 10.35 -15.01 9.34
C ARG A 152 9.44 -16.08 9.92
N LEU A 153 8.89 -16.92 9.05
CA LEU A 153 7.92 -17.91 9.48
C LEU A 153 8.59 -19.12 10.13
N GLY A 154 9.91 -19.11 10.21
CA GLY A 154 10.66 -20.09 10.98
C GLY A 154 10.88 -19.62 12.42
N GLU A 155 10.56 -18.35 12.67
CA GLU A 155 10.71 -17.75 13.99
C GLU A 155 9.37 -17.31 14.55
N SER A 156 8.34 -17.36 13.72
CA SER A 156 7.00 -16.90 14.10
C SER A 156 5.96 -17.70 13.34
N ARG A 157 4.89 -18.07 14.02
CA ARG A 157 3.87 -18.92 13.42
C ARG A 157 3.21 -18.21 12.25
N PHE A 158 2.97 -16.92 12.44
CA PHE A 158 2.40 -16.07 11.41
C PHE A 158 3.31 -14.85 11.23
N LEU A 159 3.01 -14.04 10.23
CA LEU A 159 3.94 -12.97 9.86
C LEU A 159 4.15 -11.92 10.95
N ALA A 160 3.08 -11.49 11.61
CA ALA A 160 3.15 -10.42 12.60
C ALA A 160 3.31 -10.90 14.04
N GLY A 161 3.19 -12.20 14.25
CA GLY A 161 3.23 -12.78 15.59
C GLY A 161 2.73 -14.21 15.55
N ASP A 162 2.33 -14.75 16.70
CA ASP A 162 1.94 -16.17 16.72
C ASP A 162 0.45 -16.35 16.47
N GLU A 163 -0.25 -15.26 16.19
CA GLU A 163 -1.66 -15.29 15.86
C GLU A 163 -1.91 -14.83 14.41
N PHE A 164 -2.91 -15.44 13.79
CA PHE A 164 -3.36 -15.04 12.47
C PHE A 164 -3.92 -13.62 12.52
N THR A 165 -3.46 -12.76 11.61
CA THR A 165 -3.90 -11.38 11.56
C THR A 165 -4.13 -10.94 10.13
N PHE A 166 -4.56 -9.69 9.99
CA PHE A 166 -4.81 -9.14 8.68
C PHE A 166 -3.58 -9.21 7.79
N ALA A 167 -2.39 -9.19 8.40
CA ALA A 167 -1.15 -9.32 7.63
C ALA A 167 -1.14 -10.61 6.81
N ASP A 168 -1.53 -11.70 7.45
CA ASP A 168 -1.61 -13.00 6.79
C ASP A 168 -2.79 -13.02 5.81
N LEU A 169 -3.94 -12.56 6.28
CA LEU A 169 -5.17 -12.51 5.49
C LEU A 169 -4.97 -11.85 4.13
N SER A 170 -4.23 -10.74 4.12
N SER A 170 -4.23 -10.74 4.11
CA SER A 170 -4.07 -9.94 2.92
CA SER A 170 -4.06 -9.95 2.89
C SER A 170 -3.35 -10.72 1.81
C SER A 170 -3.35 -10.73 1.79
N HIS A 171 -2.66 -11.80 2.17
CA HIS A 171 -1.98 -12.65 1.19
C HIS A 171 -2.89 -13.70 0.54
N LEU A 172 -4.08 -13.91 1.07
CA LEU A 172 -4.93 -15.01 0.62
C LEU A 172 -5.36 -14.89 -0.85
N PRO A 173 -5.88 -13.71 -1.26
CA PRO A 173 -6.37 -13.60 -2.64
C PRO A 173 -5.34 -13.94 -3.72
N ASN A 174 -4.16 -13.32 -3.69
CA ASN A 174 -3.15 -13.62 -4.71
C ASN A 174 -2.59 -15.01 -4.48
N GLY A 175 -2.37 -15.35 -3.22
CA GLY A 175 -1.82 -16.65 -2.89
C GLY A 175 -2.69 -17.78 -3.39
N ASP A 176 -4.01 -17.66 -3.23
CA ASP A 176 -4.91 -18.74 -3.62
C ASP A 176 -4.91 -18.96 -5.14
N TYR A 177 -4.96 -17.88 -5.91
CA TYR A 177 -4.90 -18.00 -7.36
C TYR A 177 -3.60 -18.60 -7.86
N LEU A 178 -2.50 -18.33 -7.16
CA LEU A 178 -1.22 -18.87 -7.58
C LEU A 178 -1.19 -20.37 -7.35
N VAL A 179 -1.65 -20.79 -6.18
CA VAL A 179 -1.61 -22.20 -5.80
C VAL A 179 -2.62 -23.02 -6.59
N ASN A 180 -3.79 -22.45 -6.83
CA ASN A 180 -4.92 -23.22 -7.36
C ASN A 180 -5.27 -22.92 -8.83
N ALA A 181 -4.67 -21.89 -9.42
CA ALA A 181 -5.00 -21.51 -10.81
C ALA A 181 -3.77 -21.28 -11.68
N THR A 182 -2.59 -21.68 -11.18
CA THR A 182 -1.37 -21.63 -11.97
C THR A 182 -0.52 -22.85 -11.67
N ASP A 183 0.58 -22.98 -12.41
CA ASP A 183 1.55 -24.04 -12.15
C ASP A 183 2.65 -23.56 -11.20
N LYS A 184 2.43 -22.41 -10.57
CA LYS A 184 3.44 -21.78 -9.71
C LYS A 184 3.20 -22.05 -8.22
N GLY A 185 2.36 -23.04 -7.92
CA GLY A 185 2.08 -23.39 -6.55
C GLY A 185 3.34 -23.80 -5.80
N HIS A 186 4.36 -24.23 -6.55
CA HIS A 186 5.61 -24.69 -5.96
C HIS A 186 6.35 -23.57 -5.23
N LEU A 187 6.02 -22.33 -5.55
CA LEU A 187 6.64 -21.19 -4.89
C LEU A 187 6.34 -21.23 -3.40
N PHE A 188 5.17 -21.76 -3.04
CA PHE A 188 4.76 -21.84 -1.64
C PHE A 188 5.13 -23.20 -1.02
N THR A 189 5.07 -24.27 -1.83
CA THR A 189 5.30 -25.61 -1.30
C THR A 189 6.79 -25.97 -1.28
N SER A 190 7.57 -25.41 -2.20
CA SER A 190 9.02 -25.66 -2.20
C SER A 190 9.67 -25.09 -0.94
N ARG A 191 8.95 -24.23 -0.24
CA ARG A 191 9.43 -23.60 0.98
C ARG A 191 8.70 -24.17 2.21
N GLU A 192 9.48 -24.72 3.14
CA GLU A 192 8.95 -25.44 4.30
C GLU A 192 8.02 -24.62 5.19
N ASN A 193 8.51 -23.47 5.66
CA ASN A 193 7.74 -22.65 6.61
C ASN A 193 6.61 -21.90 5.91
N VAL A 194 6.84 -21.46 4.68
CA VAL A 194 5.77 -20.84 3.90
C VAL A 194 4.67 -21.85 3.57
N GLY A 195 5.04 -23.11 3.33
CA GLY A 195 4.06 -24.16 3.08
C GLY A 195 3.13 -24.40 4.26
N ARG A 196 3.71 -24.45 5.46
CA ARG A 196 2.92 -24.58 6.69
C ARG A 196 1.99 -23.38 6.86
N TRP A 197 2.56 -22.18 6.73
CA TRP A 197 1.80 -20.95 6.82
C TRP A 197 0.64 -20.94 5.84
N TRP A 198 0.90 -21.31 4.59
CA TRP A 198 -0.17 -21.35 3.58
C TRP A 198 -1.25 -22.36 3.93
N ASN A 199 -0.86 -23.54 4.43
CA ASN A 199 -1.83 -24.52 4.92
C ASN A 199 -2.73 -23.92 5.98
N GLU A 200 -2.16 -23.17 6.91
CA GLU A 200 -2.97 -22.63 8.00
C GLU A 200 -3.92 -21.53 7.55
N ILE A 201 -3.45 -20.59 6.74
CA ILE A 201 -4.29 -19.45 6.43
C ILE A 201 -5.35 -19.84 5.41
N SER A 202 -5.01 -20.72 4.46
CA SER A 202 -5.97 -21.13 3.45
C SER A 202 -7.02 -22.10 4.03
N ASP A 203 -6.78 -22.62 5.24
CA ASP A 203 -7.70 -23.55 5.90
C ASP A 203 -8.74 -22.84 6.78
N ARG A 204 -8.67 -21.51 6.87
CA ARG A 204 -9.63 -20.78 7.69
C ARG A 204 -11.01 -20.81 7.04
N GLU A 205 -12.05 -20.97 7.85
CA GLU A 205 -13.40 -21.15 7.34
C GLU A 205 -13.89 -19.92 6.58
N SER A 206 -13.42 -18.75 7.01
CA SER A 206 -13.76 -17.50 6.35
C SER A 206 -13.35 -17.54 4.88
N TRP A 207 -12.10 -17.95 4.64
CA TRP A 207 -11.59 -17.98 3.28
C TRP A 207 -12.32 -19.02 2.45
N LYS A 208 -12.52 -20.20 3.02
CA LYS A 208 -13.22 -21.26 2.30
C LYS A 208 -14.64 -20.81 1.91
N LYS A 209 -15.29 -19.98 2.73
CA LYS A 209 -16.58 -19.43 2.35
CA LYS A 209 -16.58 -19.39 2.37
C LYS A 209 -16.46 -18.53 1.11
N VAL A 210 -15.41 -17.73 1.06
CA VAL A 210 -15.20 -16.85 -0.09
C VAL A 210 -15.02 -17.67 -1.37
N ILE A 211 -14.26 -18.74 -1.28
CA ILE A 211 -14.04 -19.62 -2.42
C ILE A 211 -15.36 -20.19 -2.95
N GLU A 212 -16.26 -20.53 -2.03
CA GLU A 212 -17.57 -21.05 -2.38
C GLU A 212 -18.50 -19.98 -2.98
N MET A 213 -18.40 -18.76 -2.45
CA MET A 213 -19.23 -17.67 -2.94
C MET A 213 -18.97 -17.36 -4.42
N ARG A 214 -17.76 -17.68 -4.87
CA ARG A 214 -17.40 -17.51 -6.27
C ARG A 214 -18.18 -18.50 -7.14
N LYS A 215 -18.41 -19.70 -6.62
CA LYS A 215 -19.15 -20.71 -7.34
C LYS A 215 -20.60 -20.28 -7.51
N SER A 216 -21.29 -20.06 -6.39
CA SER A 216 -22.67 -19.62 -6.42
C SER A 216 -22.74 -18.13 -6.73
N GLY A 217 -22.38 -17.77 -7.96
CA GLY A 217 -22.38 -16.37 -8.38
C GLY A 217 -23.74 -15.92 -8.84
N ALA B 1 10.73 12.22 27.30
CA ALA B 1 10.62 11.79 25.92
C ALA B 1 11.99 11.81 25.24
N THR B 2 12.18 10.88 24.30
CA THR B 2 13.45 10.70 23.62
C THR B 2 13.25 10.80 22.11
N PRO B 3 14.21 11.39 21.38
CA PRO B 3 14.04 11.45 19.92
C PRO B 3 13.93 10.05 19.32
N VAL B 4 13.03 9.89 18.36
CA VAL B 4 12.91 8.64 17.64
C VAL B 4 14.09 8.44 16.70
N LYS B 5 14.26 7.21 16.22
CA LYS B 5 15.35 6.87 15.32
C LYS B 5 14.81 6.53 13.93
N VAL B 6 15.29 7.23 12.92
CA VAL B 6 14.94 6.92 11.53
C VAL B 6 16.19 6.42 10.84
N TYR B 7 16.11 5.22 10.26
CA TYR B 7 17.23 4.64 9.57
C TYR B 7 17.12 4.84 8.06
N GLY B 8 18.15 5.42 7.46
CA GLY B 8 18.22 5.52 6.01
C GLY B 8 18.62 6.90 5.54
N PRO B 9 18.84 7.05 4.22
CA PRO B 9 19.23 8.32 3.62
C PRO B 9 18.05 9.22 3.27
N PRO B 10 18.12 10.52 3.60
CA PRO B 10 17.03 11.44 3.26
C PRO B 10 16.69 11.50 1.76
N LEU B 11 17.60 11.08 0.90
CA LEU B 11 17.36 11.10 -0.54
C LEU B 11 16.37 10.02 -0.97
N SER B 12 16.17 9.05 -0.09
CA SER B 12 15.19 7.98 -0.34
C SER B 12 13.77 8.54 -0.22
N THR B 13 12.91 8.17 -1.16
CA THR B 13 11.53 8.65 -1.15
C THR B 13 10.76 8.13 0.08
N ALA B 14 10.99 6.87 0.41
CA ALA B 14 10.32 6.25 1.56
C ALA B 14 10.84 6.86 2.86
N VAL B 15 12.15 7.11 2.93
CA VAL B 15 12.71 7.77 4.12
C VAL B 15 12.12 9.16 4.25
N SER B 16 12.03 9.87 3.13
CA SER B 16 11.51 11.24 3.08
C SER B 16 10.08 11.33 3.58
N ARG B 17 9.25 10.34 3.23
CA ARG B 17 7.89 10.26 3.72
C ARG B 17 7.83 10.24 5.26
N VAL B 18 8.70 9.44 5.88
CA VAL B 18 8.77 9.39 7.34
C VAL B 18 9.26 10.73 7.91
N LEU B 19 10.31 11.29 7.32
CA LEU B 19 10.88 12.54 7.84
C LEU B 19 9.88 13.69 7.83
N VAL B 20 9.16 13.89 6.72
CA VAL B 20 8.19 14.98 6.66
C VAL B 20 7.01 14.74 7.59
N THR B 21 6.67 13.48 7.82
CA THR B 21 5.62 13.16 8.79
C THR B 21 6.08 13.55 10.20
N LEU B 22 7.33 13.25 10.54
CA LEU B 22 7.82 13.55 11.87
C LEU B 22 7.87 15.06 12.10
N LEU B 23 8.24 15.81 11.05
CA LEU B 23 8.27 17.26 11.14
C LEU B 23 6.87 17.84 11.30
N GLU B 24 5.92 17.33 10.53
CA GLU B 24 4.54 17.78 10.63
C GLU B 24 3.95 17.48 12.01
N LYS B 25 4.41 16.39 12.62
CA LYS B 25 3.90 15.98 13.91
C LYS B 25 4.69 16.58 15.06
N ASP B 26 5.73 17.35 14.74
CA ASP B 26 6.58 17.98 15.75
C ASP B 26 7.22 16.94 16.66
N VAL B 27 7.81 15.92 16.04
CA VAL B 27 8.50 14.86 16.77
C VAL B 27 9.99 14.96 16.53
N PRO B 28 10.78 15.08 17.61
CA PRO B 28 12.25 15.10 17.41
C PRO B 28 12.77 13.73 16.97
N PHE B 29 13.85 13.73 16.19
CA PHE B 29 14.41 12.48 15.67
C PHE B 29 15.90 12.61 15.39
N GLN B 30 16.54 11.44 15.28
CA GLN B 30 17.88 11.35 14.75
C GLN B 30 17.83 10.45 13.53
N ILE B 31 18.60 10.81 12.51
CA ILE B 31 18.72 9.99 11.32
C ILE B 31 19.98 9.17 11.41
N ILE B 32 19.85 7.87 11.21
CA ILE B 32 20.96 6.94 11.31
C ILE B 32 21.23 6.36 9.93
N PRO B 33 22.41 6.62 9.35
CA PRO B 33 22.66 6.09 8.01
C PRO B 33 22.64 4.57 7.93
N VAL B 34 22.25 4.08 6.77
CA VAL B 34 22.32 2.67 6.44
C VAL B 34 23.06 2.60 5.12
N ASP B 35 24.38 2.44 5.18
CA ASP B 35 25.22 2.47 3.99
C ASP B 35 25.44 1.06 3.46
N MET B 36 24.89 0.78 2.28
CA MET B 36 25.06 -0.53 1.67
C MET B 36 26.52 -0.86 1.36
N SER B 37 27.32 0.17 1.12
CA SER B 37 28.72 -0.04 0.75
C SER B 37 29.55 -0.46 1.95
N LYS B 38 28.94 -0.38 3.14
CA LYS B 38 29.55 -0.82 4.38
C LYS B 38 28.78 -2.00 4.98
N GLY B 39 27.94 -2.62 4.16
CA GLY B 39 27.17 -3.80 4.53
C GLY B 39 26.15 -3.59 5.64
N GLU B 40 25.80 -2.33 5.89
CA GLU B 40 25.00 -1.99 7.07
C GLU B 40 23.57 -2.50 6.96
N HIS B 41 23.10 -2.69 5.74
CA HIS B 41 21.75 -3.18 5.47
C HIS B 41 21.62 -4.69 5.67
N LYS B 42 22.77 -5.36 5.82
CA LYS B 42 22.82 -6.81 6.01
C LYS B 42 23.20 -7.22 7.44
N LYS B 43 23.44 -6.25 8.31
CA LYS B 43 23.79 -6.58 9.68
C LYS B 43 22.61 -7.27 10.40
N PRO B 44 22.88 -8.36 11.13
CA PRO B 44 21.80 -9.08 11.82
C PRO B 44 20.89 -8.16 12.64
N ASP B 45 21.49 -7.20 13.33
CA ASP B 45 20.72 -6.28 14.16
C ASP B 45 19.86 -5.33 13.31
N TYR B 46 20.26 -5.09 12.07
CA TYR B 46 19.42 -4.26 11.22
C TYR B 46 18.27 -5.11 10.66
N LEU B 47 18.60 -6.33 10.24
CA LEU B 47 17.60 -7.23 9.68
C LEU B 47 16.49 -7.58 10.67
N LYS B 48 16.78 -7.52 11.97
CA LYS B 48 15.73 -7.81 12.95
C LYS B 48 14.64 -6.74 12.90
N ILE B 49 14.96 -5.52 12.47
CA ILE B 49 13.94 -4.46 12.41
C ILE B 49 13.51 -4.12 10.97
N GLN B 50 14.33 -4.49 9.99
CA GLN B 50 13.99 -4.35 8.58
C GLN B 50 14.37 -5.65 7.84
N PRO B 51 13.41 -6.60 7.76
CA PRO B 51 13.74 -7.94 7.26
C PRO B 51 14.15 -7.99 5.79
N PHE B 52 13.79 -6.95 5.04
CA PHE B 52 14.12 -6.87 3.63
C PHE B 52 15.47 -6.19 3.37
N GLY B 53 16.11 -5.70 4.43
CA GLY B 53 17.37 -5.00 4.26
C GLY B 53 17.20 -3.70 3.49
N GLN B 54 15.99 -3.15 3.54
CA GLN B 54 15.66 -1.91 2.85
C GLN B 54 15.59 -0.74 3.85
N VAL B 55 15.25 0.45 3.35
CA VAL B 55 15.08 1.63 4.19
C VAL B 55 13.72 2.25 3.85
N PRO B 56 13.10 2.95 4.81
CA PRO B 56 13.58 3.21 6.17
C PRO B 56 13.27 2.12 7.18
N ALA B 57 13.92 2.22 8.33
CA ALA B 57 13.48 1.53 9.53
C ALA B 57 13.22 2.59 10.58
N PHE B 58 12.52 2.21 11.64
CA PHE B 58 12.10 3.13 12.69
C PHE B 58 12.26 2.46 14.05
N GLN B 59 12.74 3.22 15.04
CA GLN B 59 12.74 2.77 16.43
C GLN B 59 12.39 3.90 17.37
N ASP B 60 11.60 3.61 18.39
CA ASP B 60 11.44 4.54 19.51
C ASP B 60 11.55 3.72 20.79
N GLU B 61 11.01 4.23 21.90
CA GLU B 61 11.19 3.54 23.17
C GLU B 61 10.32 2.28 23.29
N SER B 62 9.36 2.13 22.39
CA SER B 62 8.33 1.10 22.51
C SER B 62 8.37 0.03 21.42
N ILE B 63 8.85 0.39 20.24
CA ILE B 63 8.69 -0.51 19.09
C ILE B 63 9.73 -0.27 17.99
N SER B 64 9.92 -1.27 17.15
CA SER B 64 10.69 -1.17 15.92
C SER B 64 9.75 -1.46 14.76
N LEU B 65 9.82 -0.67 13.69
CA LEU B 65 8.92 -0.82 12.54
C LEU B 65 9.65 -0.66 11.21
N PHE B 66 9.10 -1.29 10.18
CA PHE B 66 9.52 -1.04 8.80
C PHE B 66 8.31 -0.70 7.95
N GLU B 67 8.60 -0.37 6.70
CA GLU B 67 7.67 0.21 5.71
C GLU B 67 7.20 1.62 6.10
N SER B 68 7.42 2.55 5.19
CA SER B 68 7.24 3.96 5.52
C SER B 68 5.80 4.28 5.90
N ARG B 69 4.81 3.68 5.24
CA ARG B 69 3.43 4.06 5.51
C ARG B 69 2.95 3.54 6.87
N SER B 70 3.42 2.36 7.27
CA SER B 70 3.08 1.83 8.58
C SER B 70 3.81 2.60 9.69
N ILE B 71 5.06 2.97 9.45
CA ILE B 71 5.78 3.86 10.37
C ILE B 71 4.99 5.16 10.57
N CYS B 72 4.51 5.76 9.49
CA CYS B 72 3.79 7.02 9.59
C CYS B 72 2.43 6.90 10.30
N ARG B 73 1.67 5.84 10.04
CA ARG B 73 0.42 5.62 10.78
C ARG B 73 0.71 5.51 12.28
N TYR B 74 1.75 4.77 12.65
CA TYR B 74 2.11 4.61 14.06
C TYR B 74 2.46 5.95 14.71
N VAL B 75 3.27 6.73 14.01
CA VAL B 75 3.70 8.05 14.48
C VAL B 75 2.50 8.96 14.67
N CYS B 76 1.57 8.93 13.72
CA CYS B 76 0.43 9.82 13.77
C CYS B 76 -0.50 9.48 14.93
N GLU B 77 -0.57 8.19 15.26
CA GLU B 77 -1.39 7.75 16.40
C GLU B 77 -0.69 8.07 17.73
N LYS B 78 0.59 7.73 17.84
CA LYS B 78 1.32 7.93 19.09
C LYS B 78 1.39 9.42 19.45
N TYR B 79 1.54 10.28 18.46
CA TYR B 79 1.72 11.70 18.70
C TYR B 79 0.50 12.49 18.25
N ALA B 80 -0.69 11.90 18.38
CA ALA B 80 -1.92 12.50 17.86
C ALA B 80 -2.19 13.92 18.39
N ASP B 81 -1.80 14.16 19.64
CA ASP B 81 -2.07 15.43 20.31
C ASP B 81 -1.03 16.50 19.99
N ARG B 82 -0.11 16.17 19.10
CA ARG B 82 1.05 17.01 18.81
C ARG B 82 1.03 17.50 17.36
N GLY B 83 1.67 18.64 17.11
CA GLY B 83 1.81 19.20 15.77
C GLY B 83 0.50 19.34 15.03
N ASP B 84 0.49 18.89 13.78
CA ASP B 84 -0.73 18.88 12.96
C ASP B 84 -1.65 17.75 13.43
N LYS B 85 -2.68 18.13 14.19
CA LYS B 85 -3.53 17.14 14.86
C LYS B 85 -4.44 16.38 13.89
N GLY B 86 -4.74 16.98 12.74
CA GLY B 86 -5.61 16.34 11.77
C GLY B 86 -4.91 15.53 10.68
N LEU B 87 -3.58 15.43 10.77
CA LEU B 87 -2.79 14.84 9.69
C LEU B 87 -3.30 13.47 9.25
N TYR B 88 -3.74 12.65 10.19
CA TYR B 88 -4.35 11.37 9.83
C TYR B 88 -5.73 11.26 10.49
N GLY B 89 -6.41 12.39 10.63
CA GLY B 89 -7.77 12.43 11.14
C GLY B 89 -7.87 12.52 12.64
N THR B 90 -9.06 12.84 13.13
CA THR B 90 -9.32 12.96 14.57
C THR B 90 -10.45 12.01 14.99
N ASN B 91 -10.90 11.17 14.05
CA ASN B 91 -11.87 10.13 14.33
C ASN B 91 -11.79 9.05 13.24
N PRO B 92 -12.40 7.88 13.48
CA PRO B 92 -12.28 6.76 12.54
C PRO B 92 -12.80 7.03 11.13
N LEU B 93 -13.79 7.91 10.98
CA LEU B 93 -14.30 8.27 9.65
C LEU B 93 -13.27 9.08 8.90
N GLU B 94 -12.68 10.05 9.58
CA GLU B 94 -11.66 10.90 8.99
C GLU B 94 -10.43 10.07 8.60
N ARG B 95 -10.00 9.18 9.49
CA ARG B 95 -8.84 8.33 9.23
C ARG B 95 -9.02 7.49 7.98
N ALA B 96 -10.20 6.91 7.83
CA ALA B 96 -10.48 6.05 6.68
C ALA B 96 -10.56 6.85 5.39
N SER B 97 -11.14 8.05 5.46
CA SER B 97 -11.29 8.92 4.31
C SER B 97 -9.93 9.39 3.81
N ILE B 98 -9.00 9.54 4.74
CA ILE B 98 -7.63 9.91 4.39
C ILE B 98 -6.92 8.71 3.82
N ASP B 99 -7.09 7.57 4.50
CA ASP B 99 -6.37 6.35 4.17
C ASP B 99 -6.63 5.83 2.75
N GLN B 100 -7.86 5.96 2.26
CA GLN B 100 -8.15 5.46 0.92
C GLN B 100 -7.25 6.13 -0.12
N TRP B 101 -6.98 7.43 0.05
CA TRP B 101 -6.09 8.13 -0.88
C TRP B 101 -4.63 7.77 -0.64
N VAL B 102 -4.28 7.45 0.60
CA VAL B 102 -2.93 6.93 0.88
C VAL B 102 -2.75 5.64 0.09
N GLU B 103 -3.76 4.77 0.11
CA GLU B 103 -3.70 3.51 -0.61
C GLU B 103 -3.65 3.75 -2.13
N ALA B 104 -4.43 4.71 -2.62
CA ALA B 104 -4.42 5.04 -4.04
C ALA B 104 -3.01 5.46 -4.46
N GLU B 105 -2.36 6.29 -3.63
CA GLU B 105 -0.99 6.72 -3.92
C GLU B 105 -0.05 5.52 -4.03
N GLY B 106 -0.09 4.64 -3.03
CA GLY B 106 0.78 3.48 -3.02
C GLY B 106 0.54 2.52 -4.17
N GLN B 107 -0.70 2.46 -4.66
CA GLN B 107 -1.03 1.48 -5.70
C GLN B 107 -0.94 2.03 -7.12
N SER B 108 -1.15 3.33 -7.31
CA SER B 108 -1.28 3.91 -8.66
C SER B 108 -0.29 5.05 -8.97
N PHE B 109 -0.41 6.17 -8.26
CA PHE B 109 0.49 7.31 -8.44
C PHE B 109 1.96 6.94 -8.21
N GLY B 110 2.23 6.22 -7.12
CA GLY B 110 3.60 5.93 -6.74
C GLY B 110 4.37 5.10 -7.76
N PRO B 111 3.80 3.96 -8.18
CA PRO B 111 4.50 3.09 -9.13
C PRO B 111 4.77 3.75 -10.50
N SER B 112 3.77 4.45 -11.05
CA SER B 112 3.93 5.11 -12.34
C SER B 112 4.91 6.29 -12.29
N SER B 113 4.74 7.17 -11.32
CA SER B 113 5.67 8.28 -11.18
C SER B 113 7.08 7.80 -10.87
N GLY B 114 7.17 6.72 -10.10
CA GLY B 114 8.46 6.24 -9.65
C GLY B 114 9.33 5.77 -10.80
N ALA B 115 8.76 4.94 -11.64
CA ALA B 115 9.42 4.44 -12.84
C ALA B 115 9.86 5.58 -13.77
N LEU B 116 9.03 6.63 -13.87
CA LEU B 116 9.33 7.74 -14.75
C LEU B 116 10.59 8.45 -14.32
N VAL B 117 10.70 8.71 -13.02
CA VAL B 117 11.84 9.44 -12.48
C VAL B 117 13.10 8.62 -12.67
N PHE B 118 12.96 7.31 -12.51
CA PHE B 118 14.06 6.38 -12.59
C PHE B 118 14.74 6.53 -13.95
N GLN B 119 13.96 6.37 -15.01
CA GLN B 119 14.45 6.49 -16.38
C GLN B 119 14.95 7.89 -16.73
N LEU B 120 14.20 8.92 -16.35
CA LEU B 120 14.45 10.26 -16.88
C LEU B 120 15.56 10.98 -16.13
N ALA B 121 15.70 10.69 -14.84
CA ALA B 121 16.70 11.36 -14.01
C ALA B 121 17.97 10.55 -13.80
N PHE B 122 17.82 9.26 -13.51
CA PHE B 122 18.92 8.48 -12.95
C PHE B 122 19.72 7.68 -13.98
N ALA B 123 19.06 7.19 -15.03
CA ALA B 123 19.80 6.57 -16.12
C ALA B 123 20.81 7.59 -16.71
N PRO B 124 20.37 8.82 -17.06
CA PRO B 124 21.34 9.78 -17.59
C PRO B 124 22.47 10.12 -16.63
N ARG B 125 22.17 10.16 -15.33
CA ARG B 125 23.21 10.44 -14.35
C ARG B 125 24.31 9.40 -14.48
N MET B 126 23.94 8.16 -14.76
CA MET B 126 24.89 7.06 -14.88
C MET B 126 25.36 6.87 -16.32
N ASN B 127 24.85 7.72 -17.21
CA ASN B 127 25.28 7.73 -18.60
C ASN B 127 24.90 6.42 -19.30
N ILE B 128 23.70 5.94 -19.02
CA ILE B 128 23.17 4.73 -19.65
C ILE B 128 21.84 5.04 -20.34
N PRO B 129 21.47 4.26 -21.37
CA PRO B 129 20.30 4.55 -22.20
C PRO B 129 18.95 4.36 -21.49
N GLN B 130 17.98 5.19 -21.82
CA GLN B 130 16.63 5.08 -21.26
C GLN B 130 15.80 4.03 -21.99
N ASP B 131 14.76 3.56 -21.32
CA ASP B 131 13.79 2.64 -21.90
C ASP B 131 12.55 3.43 -22.24
N GLN B 132 12.41 3.82 -23.51
CA GLN B 132 11.29 4.65 -23.91
C GLN B 132 9.95 3.92 -23.74
N GLY B 133 9.99 2.60 -23.79
CA GLY B 133 8.79 1.82 -23.55
C GLY B 133 8.31 1.97 -22.12
N VAL B 134 9.27 2.13 -21.21
CA VAL B 134 8.97 2.35 -19.80
C VAL B 134 8.45 3.77 -19.62
N ILE B 135 9.05 4.73 -20.32
CA ILE B 135 8.62 6.13 -20.24
C ILE B 135 7.13 6.23 -20.58
N LYS B 136 6.74 5.56 -21.66
CA LYS B 136 5.43 5.79 -22.28
C LYS B 136 4.24 5.26 -21.48
N GLN B 137 4.29 3.98 -21.10
CA GLN B 137 3.14 3.35 -20.46
C GLN B 137 2.85 3.96 -19.09
N ASN B 138 3.91 4.40 -18.42
CA ASN B 138 3.76 4.98 -17.10
C ASN B 138 3.28 6.43 -17.16
N GLU B 139 3.55 7.09 -18.28
CA GLU B 139 3.03 8.43 -18.48
C GLU B 139 1.53 8.38 -18.72
N GLU B 140 1.06 7.35 -19.43
CA GLU B 140 -0.36 7.15 -19.63
C GLU B 140 -1.06 6.87 -18.31
N LYS B 141 -0.53 5.90 -17.55
CA LYS B 141 -1.11 5.54 -16.27
C LYS B 141 -1.16 6.74 -15.33
N LEU B 142 -0.06 7.49 -15.26
CA LEU B 142 0.02 8.63 -14.36
C LEU B 142 -0.93 9.73 -14.83
N GLY B 143 -1.04 9.89 -16.13
CA GLY B 143 -2.00 10.81 -16.71
C GLY B 143 -3.41 10.54 -16.24
N LYS B 144 -3.82 9.27 -16.24
CA LYS B 144 -5.17 8.90 -15.81
C LYS B 144 -5.40 9.21 -14.35
N VAL B 145 -4.44 8.86 -13.51
CA VAL B 145 -4.52 9.18 -12.09
C VAL B 145 -4.66 10.69 -11.90
N LEU B 146 -3.86 11.46 -12.62
CA LEU B 146 -3.86 12.90 -12.43
C LEU B 146 -5.13 13.54 -12.97
N ASP B 147 -5.75 12.91 -13.96
CA ASP B 147 -7.06 13.39 -14.46
C ASP B 147 -8.11 13.18 -13.37
N ILE B 148 -8.02 12.06 -12.65
CA ILE B 148 -8.91 11.81 -11.52
C ILE B 148 -8.63 12.81 -10.40
N TYR B 149 -7.35 13.06 -10.09
CA TYR B 149 -7.02 14.06 -9.08
C TYR B 149 -7.52 15.46 -9.46
N GLU B 150 -7.41 15.80 -10.74
CA GLU B 150 -7.81 17.13 -11.22
C GLU B 150 -9.28 17.40 -10.90
N GLN B 151 -10.10 16.38 -11.14
CA GLN B 151 -11.53 16.45 -10.84
C GLN B 151 -11.80 16.54 -9.34
N ARG B 152 -11.15 15.67 -8.57
CA ARG B 152 -11.30 15.67 -7.12
C ARG B 152 -10.87 17.01 -6.53
N LEU B 153 -9.75 17.54 -7.01
CA LEU B 153 -9.18 18.74 -6.44
C LEU B 153 -9.89 20.01 -6.93
N GLY B 154 -10.88 19.83 -7.80
CA GLY B 154 -11.78 20.92 -8.16
C GLY B 154 -12.99 20.95 -7.25
N GLU B 155 -13.25 19.85 -6.54
CA GLU B 155 -14.39 19.72 -5.63
C GLU B 155 -13.95 19.79 -4.18
N SER B 156 -12.67 19.57 -3.95
CA SER B 156 -12.08 19.61 -2.62
C SER B 156 -10.71 20.28 -2.68
N ARG B 157 -10.35 21.04 -1.67
CA ARG B 157 -9.06 21.73 -1.66
C ARG B 157 -7.89 20.75 -1.63
N PHE B 158 -8.03 19.67 -0.85
CA PHE B 158 -7.03 18.62 -0.77
C PHE B 158 -7.71 17.30 -1.04
N LEU B 159 -6.94 16.22 -1.17
CA LEU B 159 -7.49 14.96 -1.65
C LEU B 159 -8.56 14.37 -0.73
N ALA B 160 -8.37 14.49 0.58
CA ALA B 160 -9.26 13.83 1.55
C ALA B 160 -10.28 14.79 2.14
N GLY B 161 -10.09 16.08 1.87
CA GLY B 161 -11.00 17.09 2.39
C GLY B 161 -10.42 18.47 2.30
N ASP B 162 -10.84 19.34 3.20
CA ASP B 162 -10.54 20.76 3.11
C ASP B 162 -9.20 21.13 3.71
N GLU B 163 -8.54 20.19 4.38
CA GLU B 163 -7.22 20.46 4.95
C GLU B 163 -6.19 19.43 4.51
N PHE B 164 -4.93 19.83 4.59
CA PHE B 164 -3.78 18.96 4.30
C PHE B 164 -3.78 17.77 5.25
N THR B 165 -3.65 16.58 4.68
CA THR B 165 -3.54 15.37 5.48
C THR B 165 -2.43 14.48 4.95
N PHE B 166 -2.32 13.31 5.54
CA PHE B 166 -1.33 12.36 5.10
C PHE B 166 -1.56 11.96 3.63
N ALA B 167 -2.81 12.01 3.18
CA ALA B 167 -3.15 11.70 1.80
C ALA B 167 -2.31 12.53 0.83
N ASP B 168 -2.22 13.83 1.10
CA ASP B 168 -1.42 14.72 0.27
C ASP B 168 0.07 14.55 0.53
N LEU B 169 0.43 14.51 1.81
CA LEU B 169 1.81 14.34 2.23
C LEU B 169 2.47 13.18 1.48
N SER B 170 1.75 12.08 1.35
CA SER B 170 2.31 10.85 0.84
C SER B 170 2.70 10.97 -0.65
N HIS B 171 2.21 12.01 -1.32
CA HIS B 171 2.57 12.31 -2.72
C HIS B 171 3.83 13.16 -2.86
N LEU B 172 4.31 13.74 -1.77
CA LEU B 172 5.44 14.66 -1.87
C LEU B 172 6.71 14.02 -2.43
N PRO B 173 7.12 12.85 -1.91
CA PRO B 173 8.42 12.31 -2.34
C PRO B 173 8.53 12.02 -3.85
N ASN B 174 7.59 11.29 -4.42
CA ASN B 174 7.64 11.03 -5.86
C ASN B 174 7.31 12.28 -6.68
N GLY B 175 6.39 13.10 -6.17
CA GLY B 175 6.01 14.33 -6.83
C GLY B 175 7.17 15.30 -6.96
N ASP B 176 8.00 15.36 -5.93
CA ASP B 176 9.15 16.25 -5.92
C ASP B 176 10.17 15.85 -6.98
N TYR B 177 10.45 14.56 -7.05
CA TYR B 177 11.38 14.06 -8.05
C TYR B 177 10.84 14.30 -9.45
N LEU B 178 9.56 14.00 -9.66
CA LEU B 178 8.95 14.20 -10.98
C LEU B 178 9.09 15.65 -11.45
N VAL B 179 8.82 16.60 -10.56
CA VAL B 179 8.76 18.01 -10.92
C VAL B 179 10.15 18.64 -10.98
N ASN B 180 11.09 18.14 -10.18
CA ASN B 180 12.37 18.84 -10.03
C ASN B 180 13.57 18.07 -10.57
N ALA B 181 13.37 16.82 -10.97
CA ALA B 181 14.46 16.00 -11.49
C ALA B 181 14.15 15.43 -12.87
N THR B 182 12.98 15.77 -13.42
CA THR B 182 12.63 15.38 -14.78
C THR B 182 11.98 16.57 -15.49
N ASP B 183 11.73 16.42 -16.78
CA ASP B 183 11.07 17.49 -17.54
C ASP B 183 9.57 17.21 -17.70
N LYS B 184 9.02 16.36 -16.83
CA LYS B 184 7.61 15.98 -16.89
C LYS B 184 6.76 16.77 -15.90
N GLY B 185 7.31 17.85 -15.38
CA GLY B 185 6.58 18.73 -14.47
C GLY B 185 5.25 19.20 -15.04
N HIS B 186 5.18 19.30 -16.36
CA HIS B 186 3.96 19.77 -17.02
C HIS B 186 2.75 18.87 -16.76
N LEU B 187 2.98 17.63 -16.36
CA LEU B 187 1.89 16.74 -15.98
C LEU B 187 1.11 17.35 -14.80
N PHE B 188 1.82 18.08 -13.94
CA PHE B 188 1.17 18.80 -12.85
C PHE B 188 0.68 20.19 -13.28
N THR B 189 1.57 20.99 -13.87
CA THR B 189 1.24 22.38 -14.18
C THR B 189 0.15 22.54 -15.25
N SER B 190 0.05 21.58 -16.17
CA SER B 190 -0.98 21.63 -17.21
C SER B 190 -2.37 21.36 -16.67
N ARG B 191 -2.45 20.95 -15.40
CA ARG B 191 -3.72 20.60 -14.78
C ARG B 191 -3.94 21.62 -13.66
N GLU B 192 -4.88 22.52 -13.88
CA GLU B 192 -5.03 23.71 -13.05
C GLU B 192 -5.15 23.39 -11.55
N ASN B 193 -5.99 22.43 -11.20
CA ASN B 193 -6.20 22.10 -9.79
C ASN B 193 -5.02 21.32 -9.22
N VAL B 194 -4.51 20.36 -9.97
CA VAL B 194 -3.35 19.60 -9.53
C VAL B 194 -2.17 20.55 -9.33
N GLY B 195 -1.98 21.49 -10.26
CA GLY B 195 -0.91 22.46 -10.14
C GLY B 195 -1.00 23.30 -8.88
N ARG B 196 -2.20 23.76 -8.54
CA ARG B 196 -2.39 24.52 -7.33
C ARG B 196 -2.08 23.67 -6.09
N TRP B 197 -2.61 22.46 -6.10
CA TRP B 197 -2.41 21.52 -4.99
C TRP B 197 -0.94 21.24 -4.76
N TRP B 198 -0.22 20.97 -5.86
CA TRP B 198 1.20 20.69 -5.76
C TRP B 198 1.98 21.88 -5.21
N ASN B 199 1.71 23.08 -5.74
CA ASN B 199 2.36 24.27 -5.20
C ASN B 199 2.04 24.45 -3.71
N GLU B 200 0.80 24.18 -3.30
CA GLU B 200 0.42 24.35 -1.90
C GLU B 200 1.17 23.39 -0.95
N ILE B 201 1.19 22.11 -1.29
CA ILE B 201 1.77 21.11 -0.37
C ILE B 201 3.29 21.13 -0.41
N SER B 202 3.89 21.37 -1.58
CA SER B 202 5.34 21.36 -1.69
C SER B 202 5.98 22.58 -1.04
N ASP B 203 5.18 23.60 -0.71
CA ASP B 203 5.71 24.84 -0.12
C ASP B 203 5.59 24.81 1.41
N ARG B 204 5.16 23.68 1.95
CA ARG B 204 5.06 23.55 3.40
C ARG B 204 6.44 23.53 4.01
N GLU B 205 6.57 24.11 5.20
CA GLU B 205 7.89 24.26 5.81
C GLU B 205 8.51 22.91 6.10
N SER B 206 7.67 21.94 6.47
CA SER B 206 8.14 20.58 6.74
C SER B 206 8.87 20.04 5.52
N TRP B 207 8.21 20.09 4.36
CA TRP B 207 8.81 19.54 3.15
C TRP B 207 10.08 20.29 2.76
N LYS B 208 10.06 21.61 2.87
CA LYS B 208 11.25 22.42 2.59
C LYS B 208 12.45 22.01 3.45
N LYS B 209 12.19 21.69 4.73
CA LYS B 209 13.24 21.18 5.62
C LYS B 209 13.86 19.91 5.08
N VAL B 210 13.02 18.97 4.65
CA VAL B 210 13.50 17.71 4.11
C VAL B 210 14.41 17.94 2.89
N ILE B 211 14.01 18.86 2.02
CA ILE B 211 14.82 19.20 0.85
C ILE B 211 16.23 19.65 1.27
N GLU B 212 16.33 20.56 2.22
CA GLU B 212 17.63 21.02 2.72
C GLU B 212 18.50 19.86 3.23
N MET B 213 17.92 18.99 4.04
CA MET B 213 18.65 17.89 4.68
C MET B 213 19.38 17.02 3.69
N ARG B 214 18.89 16.98 2.45
CA ARG B 214 19.50 16.15 1.41
C ARG B 214 20.84 16.71 0.93
N LYS B 215 21.08 17.98 1.23
CA LYS B 215 22.32 18.65 0.86
C LYS B 215 23.38 18.45 1.94
N SER B 216 23.00 18.67 3.19
CA SER B 216 23.89 18.47 4.33
C SER B 216 24.23 16.98 4.48
N GLY B 217 23.26 16.12 4.21
CA GLY B 217 23.46 14.69 4.27
C GLY B 217 22.16 13.92 4.10
#